data_4UGY
#
_entry.id   4UGY
#
_cell.length_a   80.599
_cell.length_b   95.060
_cell.length_c   62.947
_cell.angle_alpha   90.00
_cell.angle_beta   90.00
_cell.angle_gamma   90.00
#
_symmetry.space_group_name_H-M   'P 21 21 2'
#
loop_
_entity.id
_entity.type
_entity.pdbx_description
1 polymer 'NITRIC OXIDE SYNTHASE OXYGENASE'
2 non-polymer 'PROTOPORPHYRIN IX CONTAINING FE'
3 non-polymer 5,6,7,8-TETRAHYDROBIOPTERIN
4 non-polymer 'CHLORIDE ION'
5 non-polymer N1-(5-(2-(6-Amino-4-methylpyridin-2-yl)ethyl)pyridin-3-yl)-N1,N2-dimethylethane-1,2-diamine
6 non-polymer GLYCEROL
7 water water
#
_entity_poly.entity_id   1
_entity_poly.type   'polypeptide(L)'
_entity_poly.pdbx_seq_one_letter_code
;MEEKEILWNEAKAFIAACYQELGKAAEVKDRLADIKSEIDLTGSYVHTKEELEHGAKMAWRNSNRCIGRLFWNSLNVIDR
RDVRTKEEVRDALFHHIETATNNGKIRPTITIFPPEEKGEKQVEIWNHQLIRYAGYESDGERIGDPASCSLTAACEELGW
RGERTDFDLLPLIFRMKGDEQPVWYELPRSLVIEVPITHPDIEAFSDLELKWYGVPIISDMKLEVGGIHYNAAPFNGWYM
GTEIGARNLADEKRYDKLKKVASVIGIAADYNTDLWKDQALVELNKAVLHSYKKQGVSIVDHHTAASQFKRFEEQAEEAG
RKLTGDWTWLIPPISPAATHIFHRSYDNSIVKPNYFYQDKPYE
;
_entity_poly.pdbx_strand_id   A
#
loop_
_chem_comp.id
_chem_comp.type
_chem_comp.name
_chem_comp.formula
CL non-polymer 'CHLORIDE ION' 'Cl -1'
EXI non-polymer N1-(5-(2-(6-Amino-4-methylpyridin-2-yl)ethyl)pyridin-3-yl)-N1,N2-dimethylethane-1,2-diamine 'C17 H25 N5'
GOL non-polymer GLYCEROL 'C3 H8 O3'
H4B non-polymer 5,6,7,8-TETRAHYDROBIOPTERIN 'C9 H15 N5 O3'
HEM non-polymer 'PROTOPORPHYRIN IX CONTAINING FE' 'C34 H32 Fe N4 O4'
#
# COMPACT_ATOMS: atom_id res chain seq x y z
N GLU A 2 16.41 8.93 -26.80
CA GLU A 2 16.06 9.69 -25.60
C GLU A 2 15.95 8.80 -24.35
N GLU A 3 15.39 7.60 -24.53
CA GLU A 3 15.17 6.68 -23.40
C GLU A 3 16.46 6.32 -22.67
N LYS A 4 17.52 6.05 -23.43
CA LYS A 4 18.80 5.65 -22.86
C LYS A 4 19.44 6.80 -22.11
N GLU A 5 19.24 8.00 -22.63
CA GLU A 5 19.74 9.19 -21.96
C GLU A 5 18.99 9.43 -20.65
N ILE A 6 17.67 9.20 -20.67
CA ILE A 6 16.88 9.35 -19.45
C ILE A 6 17.38 8.32 -18.44
N LEU A 7 17.58 7.09 -18.91
CA LEU A 7 18.04 6.01 -18.03
C LEU A 7 19.37 6.38 -17.38
N TRP A 8 20.34 6.76 -18.22
CA TRP A 8 21.69 7.08 -17.75
C TRP A 8 21.67 8.23 -16.75
N ASN A 9 20.88 9.25 -17.04
CA ASN A 9 20.78 10.41 -16.15
C ASN A 9 20.20 10.05 -14.79
N GLU A 10 19.15 9.25 -14.77
CA GLU A 10 18.55 8.79 -13.52
C GLU A 10 19.53 7.89 -12.78
N ALA A 11 20.32 7.14 -13.55
CA ALA A 11 21.26 6.18 -12.97
C ALA A 11 22.36 6.91 -12.22
N LYS A 12 22.99 7.88 -12.88
CA LYS A 12 24.00 8.74 -12.27
C LYS A 12 23.51 9.38 -10.98
N ALA A 13 22.30 9.93 -11.01
CA ALA A 13 21.76 10.59 -9.82
C ALA A 13 21.55 9.62 -8.68
N PHE A 14 20.96 8.46 -8.99
CA PHE A 14 20.63 7.49 -7.95
C PHE A 14 21.87 6.87 -7.32
N ILE A 15 22.81 6.43 -8.16
CA ILE A 15 24.00 5.75 -7.66
C ILE A 15 24.82 6.68 -6.76
N ALA A 16 24.98 7.93 -7.20
CA ALA A 16 25.68 8.93 -6.39
C ALA A 16 25.03 9.08 -5.02
N ALA A 17 23.72 9.26 -5.00
CA ALA A 17 23.00 9.49 -3.75
C ALA A 17 23.01 8.24 -2.88
N CYS A 18 22.76 7.08 -3.50
CA CYS A 18 22.66 5.83 -2.77
C CYS A 18 24.00 5.49 -2.11
N TYR A 19 25.08 5.60 -2.87
CA TYR A 19 26.40 5.22 -2.37
C TYR A 19 26.88 6.22 -1.32
N GLN A 20 26.46 7.48 -1.46
CA GLN A 20 26.78 8.49 -0.45
C GLN A 20 26.16 8.08 0.89
N GLU A 21 24.88 7.71 0.84
CA GLU A 21 24.15 7.31 2.04
C GLU A 21 24.73 6.03 2.65
N LEU A 22 25.31 5.17 1.81
CA LEU A 22 25.82 3.90 2.31
C LEU A 22 27.29 4.00 2.68
N GLY A 23 27.83 5.21 2.64
CA GLY A 23 29.25 5.42 2.91
C GLY A 23 30.18 4.81 1.87
N LYS A 24 29.68 4.67 0.64
CA LYS A 24 30.43 4.02 -0.43
C LYS A 24 30.77 4.98 -1.59
N ALA A 25 30.94 6.26 -1.27
CA ALA A 25 31.17 7.28 -2.29
C ALA A 25 32.38 6.99 -3.18
N ALA A 26 33.37 6.27 -2.66
CA ALA A 26 34.58 5.99 -3.41
C ALA A 26 34.31 5.06 -4.60
N GLU A 27 33.25 4.27 -4.48
CA GLU A 27 32.96 3.24 -5.48
C GLU A 27 32.08 3.75 -6.61
N VAL A 28 31.59 4.99 -6.47
CA VAL A 28 30.67 5.56 -7.45
C VAL A 28 31.27 5.61 -8.86
N LYS A 29 32.48 6.13 -8.97
CA LYS A 29 33.11 6.28 -10.30
C LYS A 29 33.12 4.99 -11.11
N ASP A 30 33.70 3.94 -10.53
CA ASP A 30 33.80 2.64 -11.19
C ASP A 30 32.43 2.02 -11.46
N ARG A 31 31.50 2.20 -10.54
CA ARG A 31 30.17 1.60 -10.73
C ARG A 31 29.45 2.27 -11.89
N LEU A 32 29.57 3.60 -11.98
CA LEU A 32 28.96 4.33 -13.07
C LEU A 32 29.56 3.92 -14.42
N ALA A 33 30.88 3.73 -14.46
CA ALA A 33 31.56 3.29 -15.67
C ALA A 33 30.96 1.98 -16.13
N ASP A 34 30.83 1.05 -15.17
CA ASP A 34 30.27 -0.27 -15.42
C ASP A 34 28.86 -0.16 -15.97
N ILE A 35 28.06 0.69 -15.34
CA ILE A 35 26.67 0.88 -15.73
C ILE A 35 26.55 1.45 -17.14
N LYS A 36 27.41 2.42 -17.49
CA LYS A 36 27.30 3.02 -18.82
C LYS A 36 27.61 2.02 -19.92
N SER A 37 28.61 1.17 -19.71
CA SER A 37 28.93 0.12 -20.67
C SER A 37 27.75 -0.83 -20.79
N GLU A 38 27.15 -1.15 -19.64
CA GLU A 38 26.04 -2.09 -19.63
C GLU A 38 24.86 -1.51 -20.38
N ILE A 39 24.58 -0.23 -20.17
CA ILE A 39 23.51 0.43 -20.88
C ILE A 39 23.81 0.41 -22.39
N ASP A 40 25.04 0.78 -22.76
CA ASP A 40 25.49 0.71 -24.15
C ASP A 40 25.25 -0.66 -24.80
N LEU A 41 25.65 -1.73 -24.12
CA LEU A 41 25.58 -3.07 -24.69
C LEU A 41 24.17 -3.65 -24.67
N THR A 42 23.45 -3.44 -23.57
CA THR A 42 22.20 -4.15 -23.30
C THR A 42 20.94 -3.28 -23.38
N GLY A 43 21.11 -1.95 -23.31
CA GLY A 43 19.97 -1.06 -23.28
C GLY A 43 19.46 -0.79 -21.87
N SER A 44 20.01 -1.49 -20.90
CA SER A 44 19.60 -1.29 -19.51
C SER A 44 20.72 -1.65 -18.54
N TYR A 45 20.44 -1.64 -17.24
CA TYR A 45 21.41 -2.14 -16.26
C TYR A 45 20.71 -2.86 -15.10
N VAL A 46 21.48 -3.62 -14.35
CA VAL A 46 20.91 -4.47 -13.30
C VAL A 46 21.38 -3.96 -11.93
N HIS A 47 20.46 -3.72 -11.00
CA HIS A 47 20.85 -3.27 -9.68
C HIS A 47 21.55 -4.36 -8.88
N THR A 48 22.54 -3.97 -8.08
CA THR A 48 23.09 -4.89 -7.09
C THR A 48 22.01 -5.07 -6.01
N LYS A 49 22.12 -6.13 -5.20
CA LYS A 49 21.12 -6.33 -4.14
C LYS A 49 21.06 -5.16 -3.16
N GLU A 50 22.23 -4.61 -2.85
CA GLU A 50 22.34 -3.45 -1.96
C GLU A 50 21.64 -2.20 -2.55
N GLU A 51 21.80 -2.01 -3.85
CA GLU A 51 21.19 -0.88 -4.53
C GLU A 51 19.68 -1.02 -4.54
N LEU A 52 19.21 -2.23 -4.82
CA LEU A 52 17.78 -2.50 -4.92
C LEU A 52 17.14 -2.29 -3.55
N GLU A 53 17.77 -2.82 -2.51
CA GLU A 53 17.22 -2.68 -1.16
C GLU A 53 17.16 -1.21 -0.72
N HIS A 54 18.28 -0.50 -0.84
CA HIS A 54 18.31 0.89 -0.41
C HIS A 54 17.39 1.77 -1.27
N GLY A 55 17.30 1.44 -2.55
CA GLY A 55 16.40 2.15 -3.46
C GLY A 55 14.95 2.03 -3.05
N ALA A 56 14.52 0.84 -2.62
CA ALA A 56 13.13 0.66 -2.20
C ALA A 56 12.86 1.43 -0.92
N LYS A 57 13.87 1.46 -0.05
CA LYS A 57 13.79 2.24 1.19
C LYS A 57 13.73 3.74 0.89
N MET A 58 14.57 4.21 -0.03
CA MET A 58 14.52 5.63 -0.42
C MET A 58 13.17 5.99 -1.01
N ALA A 59 12.59 5.06 -1.77
CA ALA A 59 11.31 5.29 -2.41
C ALA A 59 10.21 5.49 -1.37
N TRP A 60 10.25 4.72 -0.30
CA TRP A 60 9.26 4.90 0.77
C TRP A 60 9.49 6.27 1.43
N ARG A 61 10.75 6.56 1.72
CA ARG A 61 11.12 7.82 2.37
C ARG A 61 10.65 9.02 1.56
N ASN A 62 10.57 8.86 0.24
CA ASN A 62 10.18 9.98 -0.62
C ASN A 62 8.68 10.03 -0.91
N SER A 63 7.92 9.11 -0.32
CA SER A 63 6.48 9.04 -0.62
C SER A 63 5.70 10.13 0.10
N ASN A 64 5.41 11.21 -0.63
CA ASN A 64 4.85 12.42 -0.04
C ASN A 64 3.53 12.18 0.67
N ARG A 65 2.79 11.16 0.24
CA ARG A 65 1.46 10.96 0.80
C ARG A 65 1.42 10.08 2.03
N CYS A 66 2.58 9.56 2.45
CA CYS A 66 2.63 8.58 3.53
C CYS A 66 3.05 9.18 4.88
N ILE A 67 2.17 9.05 5.87
CA ILE A 67 2.47 9.53 7.23
C ILE A 67 3.38 8.56 7.97
N GLY A 68 3.54 7.35 7.43
CA GLY A 68 4.24 6.33 8.20
C GLY A 68 5.73 6.23 7.97
N ARG A 69 6.31 7.25 7.35
CA ARG A 69 7.66 7.13 6.85
C ARG A 69 8.79 7.10 7.88
N LEU A 70 8.52 7.32 9.16
CA LEU A 70 9.60 7.28 10.16
C LEU A 70 10.41 6.00 10.02
N PHE A 71 9.71 4.92 9.68
CA PHE A 71 10.33 3.59 9.70
C PHE A 71 10.90 3.11 8.37
N TRP A 72 11.12 4.05 7.45
CA TRP A 72 11.59 3.73 6.09
C TRP A 72 12.83 2.82 6.04
N ASN A 73 13.73 2.98 7.01
CA ASN A 73 15.00 2.26 6.92
C ASN A 73 14.90 0.82 7.39
N SER A 74 13.74 0.42 7.88
CA SER A 74 13.64 -0.96 8.36
C SER A 74 12.73 -1.81 7.45
N LEU A 75 12.42 -1.26 6.27
CA LEU A 75 11.67 -2.01 5.25
C LEU A 75 12.38 -3.34 4.94
N ASN A 76 11.62 -4.43 4.92
CA ASN A 76 12.16 -5.75 4.60
C ASN A 76 12.02 -5.94 3.09
N VAL A 77 13.14 -6.02 2.37
CA VAL A 77 13.08 -6.07 0.90
C VAL A 77 13.36 -7.47 0.41
N ILE A 78 12.40 -8.05 -0.30
CA ILE A 78 12.56 -9.42 -0.83
C ILE A 78 12.81 -9.33 -2.33
N ASP A 79 14.00 -9.76 -2.74
CA ASP A 79 14.40 -9.69 -4.16
C ASP A 79 13.90 -10.90 -4.96
N ARG A 80 12.83 -10.73 -5.72
CA ARG A 80 12.32 -11.82 -6.56
C ARG A 80 12.49 -11.52 -8.05
N ARG A 81 13.62 -10.94 -8.41
CA ARG A 81 13.91 -10.68 -9.83
C ARG A 81 14.21 -11.97 -10.58
N ASP A 82 14.32 -13.07 -9.83
CA ASP A 82 14.61 -14.36 -10.44
C ASP A 82 13.37 -15.09 -10.96
N VAL A 83 12.16 -14.59 -10.67
CA VAL A 83 10.97 -15.36 -11.09
C VAL A 83 10.74 -15.34 -12.59
N ARG A 84 10.25 -16.46 -13.12
CA ARG A 84 10.01 -16.63 -14.56
C ARG A 84 8.67 -17.28 -14.88
N THR A 85 8.03 -17.91 -13.89
CA THR A 85 6.78 -18.64 -14.15
C THR A 85 5.63 -18.12 -13.29
N LYS A 86 4.40 -18.42 -13.68
CA LYS A 86 3.27 -17.93 -12.89
C LYS A 86 3.15 -18.65 -11.54
N GLU A 87 3.57 -19.90 -11.46
CA GLU A 87 3.58 -20.56 -10.16
C GLU A 87 4.58 -19.86 -9.21
N GLU A 88 5.74 -19.46 -9.73
CA GLU A 88 6.72 -18.75 -8.90
C GLU A 88 6.17 -17.39 -8.45
N VAL A 89 5.47 -16.69 -9.34
CA VAL A 89 4.87 -15.40 -8.95
C VAL A 89 3.83 -15.64 -7.86
N ARG A 90 2.96 -16.62 -8.08
CA ARG A 90 1.91 -16.93 -7.11
C ARG A 90 2.50 -17.26 -5.76
N ASP A 91 3.50 -18.14 -5.75
CA ASP A 91 4.07 -18.58 -4.48
C ASP A 91 4.79 -17.41 -3.81
N ALA A 92 5.38 -16.52 -4.61
CA ALA A 92 6.03 -15.32 -4.03
C ALA A 92 5.01 -14.40 -3.38
N LEU A 93 3.82 -14.31 -3.97
CA LEU A 93 2.80 -13.43 -3.43
C LEU A 93 2.19 -14.05 -2.15
N PHE A 94 2.01 -15.38 -2.17
CA PHE A 94 1.56 -16.10 -0.97
C PHE A 94 2.59 -15.90 0.15
N HIS A 95 3.87 -16.01 -0.18
CA HIS A 95 4.94 -15.84 0.82
C HIS A 95 4.98 -14.42 1.40
N HIS A 96 4.86 -13.42 0.54
CA HIS A 96 4.77 -12.04 1.01
C HIS A 96 3.66 -11.90 2.05
N ILE A 97 2.46 -12.38 1.72
CA ILE A 97 1.38 -12.32 2.71
C ILE A 97 1.77 -12.96 4.04
N GLU A 98 2.33 -14.17 4.00
CA GLU A 98 2.65 -14.89 5.23
C GLU A 98 3.74 -14.16 6.02
N THR A 99 4.80 -13.72 5.34
CA THR A 99 5.93 -13.14 6.09
C THR A 99 5.61 -11.72 6.57
N ALA A 100 4.83 -10.98 5.78
CA ALA A 100 4.40 -9.64 6.20
C ALA A 100 3.45 -9.74 7.38
N THR A 101 2.55 -10.74 7.33
CA THR A 101 1.55 -10.87 8.40
C THR A 101 2.23 -11.23 9.71
N ASN A 102 3.12 -12.20 9.65
CA ASN A 102 3.95 -12.57 10.81
C ASN A 102 3.11 -12.82 12.06
N ASN A 103 2.02 -13.57 11.90
CA ASN A 103 1.14 -13.91 13.04
C ASN A 103 0.52 -12.69 13.73
N GLY A 104 0.48 -11.58 13.02
CA GLY A 104 -0.15 -10.36 13.51
C GLY A 104 0.86 -9.27 13.82
N LYS A 105 2.12 -9.64 14.06
CA LYS A 105 3.13 -8.62 14.36
C LYS A 105 3.71 -8.16 13.03
N ILE A 106 2.96 -7.29 12.34
CA ILE A 106 3.18 -7.03 10.91
C ILE A 106 4.57 -6.49 10.62
N ARG A 107 5.20 -7.00 9.56
CA ARG A 107 6.53 -6.56 9.11
C ARG A 107 6.37 -5.78 7.82
N PRO A 108 6.76 -4.50 7.80
CA PRO A 108 6.73 -3.78 6.51
C PRO A 108 7.67 -4.46 5.52
N THR A 109 7.15 -4.80 4.35
CA THR A 109 7.83 -5.70 3.43
C THR A 109 7.52 -5.26 1.99
N ILE A 110 8.48 -5.46 1.08
CA ILE A 110 8.19 -5.28 -0.34
C ILE A 110 8.81 -6.47 -1.07
N THR A 111 8.12 -7.01 -2.06
CA THR A 111 8.67 -8.11 -2.88
C THR A 111 8.84 -7.51 -4.26
N ILE A 112 10.04 -7.61 -4.82
CA ILE A 112 10.30 -6.94 -6.09
C ILE A 112 10.47 -7.95 -7.20
N PHE A 113 9.60 -7.87 -8.22
CA PHE A 113 9.64 -8.81 -9.35
C PHE A 113 10.48 -8.21 -10.49
N PRO A 114 10.76 -8.97 -11.57
CA PRO A 114 11.59 -8.42 -12.66
C PRO A 114 11.04 -7.10 -13.21
N PRO A 115 11.92 -6.16 -13.59
CA PRO A 115 11.42 -4.87 -14.06
C PRO A 115 11.02 -4.88 -15.55
N GLU A 116 10.33 -3.83 -15.99
CA GLU A 116 10.01 -3.69 -17.40
C GLU A 116 11.30 -3.66 -18.20
N GLU A 117 11.24 -4.10 -19.45
CA GLU A 117 12.43 -4.09 -20.29
C GLU A 117 12.37 -3.00 -21.36
N LYS A 118 11.58 -3.20 -22.40
CA LYS A 118 11.41 -2.11 -23.37
C LYS A 118 10.18 -1.27 -23.02
N GLY A 119 9.95 -1.11 -21.72
CA GLY A 119 8.63 -0.69 -21.26
C GLY A 119 7.73 -1.91 -21.29
N GLU A 120 8.31 -3.06 -21.64
CA GLU A 120 7.57 -4.32 -21.66
C GLU A 120 7.54 -4.98 -20.29
N LYS A 121 6.36 -5.09 -19.71
CA LYS A 121 6.20 -5.71 -18.40
C LYS A 121 6.51 -7.21 -18.44
N GLN A 122 7.14 -7.73 -17.39
CA GLN A 122 7.41 -9.17 -17.32
C GLN A 122 6.27 -9.84 -16.54
N VAL A 123 5.76 -9.11 -15.54
CA VAL A 123 4.68 -9.57 -14.70
C VAL A 123 3.80 -8.35 -14.49
N GLU A 124 2.49 -8.52 -14.64
CA GLU A 124 1.55 -7.40 -14.48
C GLU A 124 0.50 -7.82 -13.44
N ILE A 125 0.53 -7.22 -12.26
CA ILE A 125 -0.42 -7.60 -11.21
C ILE A 125 -1.70 -6.77 -11.35
N TRP A 126 -2.84 -7.44 -11.42
CA TRP A 126 -4.13 -6.74 -11.57
C TRP A 126 -4.74 -6.23 -10.25
N ASN A 127 -4.51 -6.96 -9.15
CA ASN A 127 -5.02 -6.55 -7.83
C ASN A 127 -4.57 -5.16 -7.43
N HIS A 128 -5.46 -4.40 -6.78
CA HIS A 128 -5.04 -3.13 -6.17
C HIS A 128 -4.31 -3.39 -4.84
N GLN A 129 -4.86 -4.27 -4.03
CA GLN A 129 -4.11 -4.80 -2.87
C GLN A 129 -4.13 -6.31 -2.97
N LEU A 130 -3.13 -6.98 -2.41
CA LEU A 130 -3.13 -8.44 -2.53
C LEU A 130 -4.32 -9.07 -1.80
N ILE A 131 -4.74 -8.44 -0.70
CA ILE A 131 -5.94 -8.86 0.02
C ILE A 131 -6.95 -7.71 -0.08
N ARG A 132 -8.11 -7.95 -0.68
CA ARG A 132 -9.15 -6.92 -0.76
C ARG A 132 -10.49 -7.63 -0.96
N TYR A 133 -11.59 -6.99 -0.59
CA TYR A 133 -12.91 -7.62 -0.78
C TYR A 133 -13.52 -7.27 -2.13
N ALA A 134 -14.29 -8.21 -2.68
CA ALA A 134 -14.99 -8.01 -3.94
C ALA A 134 -16.18 -7.06 -3.76
N GLY A 135 -16.69 -6.54 -4.88
CA GLY A 135 -17.84 -5.65 -4.84
C GLY A 135 -18.74 -5.96 -6.02
N TYR A 136 -20.05 -5.84 -5.81
CA TYR A 136 -21.00 -6.22 -6.86
C TYR A 136 -22.08 -5.15 -6.92
N GLU A 137 -22.61 -4.92 -8.11
CA GLU A 137 -23.71 -3.98 -8.25
C GLU A 137 -24.48 -4.47 -9.44
N SER A 138 -25.66 -5.02 -9.16
CA SER A 138 -26.53 -5.54 -10.21
C SER A 138 -27.95 -5.12 -9.86
N ASP A 139 -28.73 -4.80 -10.89
CA ASP A 139 -30.08 -4.23 -10.76
C ASP A 139 -30.43 -3.69 -9.37
N GLY A 140 -29.84 -2.54 -9.03
CA GLY A 140 -30.11 -1.86 -7.76
C GLY A 140 -29.45 -2.45 -6.52
N GLU A 141 -29.03 -3.71 -6.61
CA GLU A 141 -28.48 -4.46 -5.47
C GLU A 141 -26.96 -4.27 -5.34
N ARG A 142 -26.51 -3.74 -4.19
CA ARG A 142 -25.09 -3.52 -3.92
C ARG A 142 -24.55 -4.44 -2.82
N ILE A 143 -23.44 -5.13 -3.12
CA ILE A 143 -22.87 -6.08 -2.17
C ILE A 143 -21.38 -5.85 -2.08
N GLY A 144 -20.81 -5.92 -0.88
CA GLY A 144 -19.37 -5.86 -0.75
C GLY A 144 -18.79 -4.46 -0.93
N ASP A 145 -17.56 -4.38 -1.44
CA ASP A 145 -16.81 -3.11 -1.52
C ASP A 145 -16.95 -2.49 -2.91
N PRO A 146 -17.66 -1.35 -3.00
CA PRO A 146 -17.89 -0.77 -4.33
C PRO A 146 -16.58 -0.41 -5.04
N ALA A 147 -15.52 -0.17 -4.28
CA ALA A 147 -14.26 0.21 -4.92
C ALA A 147 -13.72 -0.94 -5.76
N SER A 148 -14.20 -2.16 -5.50
CA SER A 148 -13.71 -3.34 -6.24
C SER A 148 -14.61 -3.81 -7.38
N CYS A 149 -15.65 -3.06 -7.70
CA CYS A 149 -16.62 -3.56 -8.67
C CYS A 149 -15.99 -3.86 -10.02
N SER A 150 -15.13 -2.97 -10.52
CA SER A 150 -14.62 -3.20 -11.87
C SER A 150 -13.64 -4.39 -11.89
N LEU A 151 -12.82 -4.51 -10.85
CA LEU A 151 -11.88 -5.64 -10.82
C LEU A 151 -12.64 -6.95 -10.60
N THR A 152 -13.66 -6.90 -9.76
CA THR A 152 -14.50 -8.08 -9.53
C THR A 152 -15.13 -8.56 -10.82
N ALA A 153 -15.68 -7.63 -11.61
CA ALA A 153 -16.30 -8.00 -12.87
C ALA A 153 -15.29 -8.62 -13.83
N ALA A 154 -14.07 -8.09 -13.82
CA ALA A 154 -13.00 -8.62 -14.68
C ALA A 154 -12.66 -10.05 -14.28
N CYS A 155 -12.57 -10.30 -12.97
CA CYS A 155 -12.29 -11.66 -12.49
C CYS A 155 -13.39 -12.62 -12.90
N GLU A 156 -14.63 -12.16 -12.80
CA GLU A 156 -15.73 -13.07 -13.12
C GLU A 156 -15.83 -13.33 -14.61
N GLU A 157 -15.26 -12.43 -15.41
CA GLU A 157 -15.17 -12.66 -16.85
C GLU A 157 -14.24 -13.84 -17.13
N LEU A 158 -13.27 -14.02 -16.23
CA LEU A 158 -12.22 -15.02 -16.40
C LEU A 158 -12.53 -16.33 -15.70
N GLY A 159 -13.78 -16.49 -15.26
CA GLY A 159 -14.20 -17.77 -14.72
C GLY A 159 -14.24 -17.88 -13.20
N TRP A 160 -13.79 -16.84 -12.50
CA TRP A 160 -13.96 -16.81 -11.06
C TRP A 160 -15.42 -16.50 -10.75
N ARG A 161 -15.90 -16.95 -9.60
CA ARG A 161 -17.25 -16.62 -9.14
C ARG A 161 -17.19 -16.34 -7.65
N GLY A 162 -17.70 -15.18 -7.24
CA GLY A 162 -17.72 -14.80 -5.83
C GLY A 162 -18.97 -15.31 -5.14
N GLU A 163 -18.88 -15.58 -3.84
CA GLU A 163 -20.04 -16.04 -3.06
C GLU A 163 -21.08 -14.95 -2.79
N ARG A 164 -20.68 -13.71 -3.04
CA ARG A 164 -21.55 -12.56 -2.83
C ARG A 164 -21.94 -12.32 -1.37
N THR A 165 -21.00 -12.58 -0.46
CA THR A 165 -21.07 -12.00 0.88
C THR A 165 -20.51 -10.59 0.77
N ASP A 166 -20.54 -9.83 1.86
CA ASP A 166 -20.01 -8.46 1.81
C ASP A 166 -18.49 -8.45 1.95
N PHE A 167 -17.90 -9.64 2.18
CA PHE A 167 -16.46 -9.75 2.43
C PHE A 167 -15.85 -10.92 1.65
N ASP A 168 -16.19 -11.08 0.37
CA ASP A 168 -15.53 -12.12 -0.44
C ASP A 168 -14.07 -11.73 -0.70
N LEU A 169 -13.12 -12.64 -0.46
CA LEU A 169 -11.73 -12.30 -0.80
C LEU A 169 -11.52 -12.44 -2.30
N LEU A 170 -11.00 -11.40 -2.94
CA LEU A 170 -10.72 -11.50 -4.38
C LEU A 170 -9.54 -12.47 -4.55
N PRO A 171 -9.49 -13.18 -5.67
CA PRO A 171 -8.34 -14.03 -5.93
C PRO A 171 -7.14 -13.15 -6.32
N LEU A 172 -5.93 -13.70 -6.23
CA LEU A 172 -4.78 -13.03 -6.83
C LEU A 172 -4.99 -13.11 -8.33
N ILE A 173 -4.68 -12.03 -9.05
CA ILE A 173 -4.85 -12.06 -10.50
C ILE A 173 -3.72 -11.26 -11.15
N PHE A 174 -3.01 -11.91 -12.08
CA PHE A 174 -1.85 -11.27 -12.71
C PHE A 174 -1.57 -11.90 -14.07
N ARG A 175 -0.86 -11.15 -14.91
CA ARG A 175 -0.56 -11.63 -16.24
C ARG A 175 0.94 -11.70 -16.44
N MET A 176 1.39 -12.74 -17.15
CA MET A 176 2.79 -12.94 -17.46
C MET A 176 3.06 -12.42 -18.88
N LYS A 177 4.25 -11.89 -19.11
CA LYS A 177 4.68 -11.56 -20.47
C LYS A 177 4.43 -12.75 -21.40
N GLY A 178 3.76 -12.50 -22.52
CA GLY A 178 3.62 -13.54 -23.51
C GLY A 178 2.28 -14.25 -23.41
N ASP A 179 1.59 -14.03 -22.31
CA ASP A 179 0.22 -14.52 -22.15
C ASP A 179 -0.77 -13.44 -22.49
N GLU A 180 -1.82 -13.81 -23.22
CA GLU A 180 -2.87 -12.87 -23.57
C GLU A 180 -3.78 -12.53 -22.38
N GLN A 181 -4.10 -13.52 -21.55
CA GLN A 181 -4.98 -13.31 -20.39
C GLN A 181 -4.24 -13.49 -19.07
N PRO A 182 -4.67 -12.78 -18.01
CA PRO A 182 -4.08 -13.05 -16.70
C PRO A 182 -4.56 -14.43 -16.19
N VAL A 183 -3.90 -14.95 -15.16
CA VAL A 183 -4.38 -16.15 -14.47
C VAL A 183 -4.87 -15.69 -13.11
N TRP A 184 -5.75 -16.47 -12.48
CA TRP A 184 -6.14 -16.13 -11.11
C TRP A 184 -6.02 -17.33 -10.18
N TYR A 185 -5.83 -17.04 -8.88
CA TYR A 185 -5.70 -18.09 -7.86
C TYR A 185 -6.45 -17.67 -6.59
N GLU A 186 -7.28 -18.55 -6.05
CA GLU A 186 -7.94 -18.24 -4.77
C GLU A 186 -6.90 -18.05 -3.68
N LEU A 187 -7.13 -17.09 -2.78
CA LEU A 187 -6.28 -16.98 -1.59
C LEU A 187 -6.59 -18.09 -0.57
N PRO A 188 -5.56 -18.80 -0.10
CA PRO A 188 -5.83 -19.75 1.00
C PRO A 188 -6.24 -18.98 2.28
N ARG A 189 -7.38 -19.33 2.87
CA ARG A 189 -7.90 -18.55 4.00
C ARG A 189 -6.94 -18.56 5.19
N SER A 190 -6.17 -19.64 5.34
CA SER A 190 -5.20 -19.72 6.43
C SER A 190 -4.10 -18.66 6.35
N LEU A 191 -3.92 -18.04 5.17
CA LEU A 191 -2.92 -17.00 4.99
C LEU A 191 -3.43 -15.63 5.41
N VAL A 192 -4.75 -15.49 5.46
CA VAL A 192 -5.38 -14.17 5.59
C VAL A 192 -5.96 -13.92 6.97
N ILE A 193 -5.33 -13.06 7.76
CA ILE A 193 -5.87 -12.75 9.07
C ILE A 193 -6.97 -11.71 8.90
N GLU A 194 -8.11 -11.92 9.57
CA GLU A 194 -9.15 -10.89 9.59
C GLU A 194 -9.50 -10.57 11.03
N VAL A 195 -10.01 -9.37 11.25
CA VAL A 195 -10.34 -8.92 12.58
C VAL A 195 -11.82 -8.54 12.66
N PRO A 196 -12.58 -9.21 13.53
CA PRO A 196 -13.97 -8.78 13.71
C PRO A 196 -14.01 -7.48 14.50
N ILE A 197 -14.90 -6.56 14.14
CA ILE A 197 -14.91 -5.26 14.82
C ILE A 197 -15.90 -5.30 15.99
N THR A 198 -15.38 -5.10 17.20
CA THR A 198 -16.21 -4.97 18.40
C THR A 198 -15.82 -3.64 19.07
N HIS A 199 -16.66 -3.20 19.99
CA HIS A 199 -16.41 -1.93 20.67
C HIS A 199 -16.06 -2.23 22.12
N PRO A 200 -15.15 -1.45 22.71
CA PRO A 200 -14.73 -1.76 24.08
C PRO A 200 -15.85 -1.66 25.13
N ASP A 201 -16.91 -0.89 24.86
CA ASP A 201 -17.96 -0.65 25.87
C ASP A 201 -19.37 -0.98 25.40
N ILE A 202 -19.58 -0.94 24.09
CA ILE A 202 -20.94 -1.08 23.52
C ILE A 202 -21.10 -2.47 22.96
N GLU A 203 -21.78 -3.33 23.71
CA GLU A 203 -21.89 -4.73 23.36
C GLU A 203 -22.60 -4.91 22.02
N ALA A 204 -23.56 -4.04 21.73
CA ALA A 204 -24.36 -4.18 20.52
C ALA A 204 -23.55 -3.98 19.24
N PHE A 205 -22.34 -3.43 19.34
CA PHE A 205 -21.58 -3.08 18.16
C PHE A 205 -21.34 -4.34 17.29
N SER A 206 -21.24 -5.50 17.93
CA SER A 206 -21.03 -6.73 17.18
C SER A 206 -22.21 -7.08 16.28
N ASP A 207 -23.39 -6.50 16.56
CA ASP A 207 -24.58 -6.74 15.74
C ASP A 207 -24.37 -6.28 14.29
N LEU A 208 -23.45 -5.33 14.09
CA LEU A 208 -23.15 -4.83 12.74
C LEU A 208 -22.40 -5.86 11.89
N GLU A 209 -21.85 -6.86 12.55
CA GLU A 209 -21.09 -7.92 11.89
C GLU A 209 -20.03 -7.38 10.93
N LEU A 210 -19.28 -6.37 11.37
CA LEU A 210 -18.20 -5.79 10.55
C LEU A 210 -16.90 -6.55 10.82
N LYS A 211 -16.04 -6.60 9.81
CA LYS A 211 -14.68 -7.13 9.99
C LYS A 211 -13.81 -6.44 8.96
N TRP A 212 -12.49 -6.56 9.08
CA TRP A 212 -11.60 -6.07 8.04
C TRP A 212 -10.37 -6.96 8.02
N TYR A 213 -9.59 -6.88 6.94
CA TYR A 213 -8.40 -7.76 6.88
C TYR A 213 -7.21 -7.08 7.57
N GLY A 214 -6.25 -7.88 8.01
CA GLY A 214 -5.19 -7.34 8.87
C GLY A 214 -4.15 -6.50 8.17
N VAL A 215 -3.83 -6.83 6.92
CA VAL A 215 -2.65 -6.25 6.29
C VAL A 215 -2.94 -5.57 4.95
N PRO A 216 -2.66 -4.26 4.84
CA PRO A 216 -2.85 -3.57 3.55
C PRO A 216 -1.61 -3.72 2.66
N ILE A 217 -1.76 -4.34 1.50
CA ILE A 217 -0.59 -4.66 0.67
C ILE A 217 -0.82 -4.10 -0.72
N ILE A 218 -0.35 -2.88 -0.96
CA ILE A 218 -0.62 -2.22 -2.26
C ILE A 218 0.16 -2.94 -3.35
N SER A 219 -0.52 -3.39 -4.40
CA SER A 219 0.13 -4.22 -5.39
C SER A 219 0.05 -3.71 -6.81
N ASP A 220 -0.36 -2.46 -6.99
CA ASP A 220 -0.50 -1.95 -8.35
C ASP A 220 0.27 -0.65 -8.61
N MET A 221 1.26 -0.34 -7.76
CA MET A 221 2.08 0.82 -8.02
C MET A 221 3.45 0.43 -8.60
N LYS A 222 4.07 1.37 -9.30
CA LYS A 222 5.38 1.15 -9.87
C LYS A 222 6.48 1.72 -8.96
N LEU A 223 7.46 0.89 -8.63
CA LEU A 223 8.66 1.38 -7.93
C LEU A 223 9.66 1.82 -8.99
N GLU A 224 10.10 3.07 -8.92
CA GLU A 224 11.11 3.53 -9.85
C GLU A 224 12.41 3.79 -9.09
N VAL A 225 13.49 3.13 -9.51
CA VAL A 225 14.80 3.29 -8.86
C VAL A 225 15.88 3.45 -9.92
N GLY A 226 16.56 4.60 -9.91
CA GLY A 226 17.65 4.82 -10.86
C GLY A 226 17.27 4.59 -12.31
N GLY A 227 16.05 4.96 -12.68
CA GLY A 227 15.62 4.81 -14.05
C GLY A 227 15.09 3.43 -14.43
N ILE A 228 15.10 2.49 -13.49
CA ILE A 228 14.58 1.16 -13.74
C ILE A 228 13.15 1.10 -13.21
N HIS A 229 12.24 0.54 -13.99
CA HIS A 229 10.81 0.59 -13.65
C HIS A 229 10.31 -0.76 -13.18
N TYR A 230 10.21 -0.92 -11.87
CA TYR A 230 9.66 -2.15 -11.30
C TYR A 230 8.15 -1.99 -11.14
N ASN A 231 7.42 -2.28 -12.21
CA ASN A 231 5.95 -2.11 -12.20
C ASN A 231 5.26 -3.12 -11.31
N ALA A 232 5.95 -4.19 -10.99
CA ALA A 232 5.38 -5.18 -10.08
C ALA A 232 6.25 -5.30 -8.84
N ALA A 233 5.78 -4.70 -7.75
CA ALA A 233 6.58 -4.65 -6.52
C ALA A 233 5.65 -4.37 -5.34
N PRO A 234 4.84 -5.36 -4.97
CA PRO A 234 3.86 -5.08 -3.90
C PRO A 234 4.52 -4.78 -2.56
N PHE A 235 3.92 -3.88 -1.79
CA PHE A 235 4.48 -3.52 -0.49
C PHE A 235 3.37 -3.32 0.55
N ASN A 236 3.73 -3.42 1.83
CA ASN A 236 2.73 -3.30 2.90
C ASN A 236 3.36 -2.66 4.13
N GLY A 237 2.51 -2.03 4.94
CA GLY A 237 2.87 -1.66 6.29
C GLY A 237 1.79 -2.26 7.17
N TRP A 238 1.54 -1.61 8.31
CA TRP A 238 0.35 -1.89 9.11
C TRP A 238 -0.60 -0.72 8.92
N TYR A 239 -1.87 -0.92 9.26
CA TYR A 239 -2.88 0.12 9.05
C TYR A 239 -2.75 1.25 10.05
N MET A 240 -3.09 2.45 9.62
CA MET A 240 -3.49 3.52 10.57
C MET A 240 -5.01 3.37 10.69
N GLY A 241 -5.54 3.37 11.92
CA GLY A 241 -6.92 2.95 12.13
C GLY A 241 -7.96 3.75 11.32
N THR A 242 -7.70 5.04 11.13
CA THR A 242 -8.63 5.87 10.34
C THR A 242 -8.79 5.40 8.89
N GLU A 243 -7.81 4.69 8.35
CA GLU A 243 -8.01 4.20 6.97
C GLU A 243 -9.22 3.29 6.92
N ILE A 244 -9.38 2.49 7.97
CA ILE A 244 -10.46 1.52 8.04
C ILE A 244 -11.72 2.20 8.57
N GLY A 245 -11.61 2.89 9.70
CA GLY A 245 -12.77 3.44 10.37
C GLY A 245 -13.34 4.71 9.79
N ALA A 246 -12.51 5.54 9.15
CA ALA A 246 -13.00 6.83 8.66
C ALA A 246 -13.19 6.82 7.16
N ARG A 247 -12.67 5.79 6.49
CA ARG A 247 -12.77 5.76 5.04
C ARG A 247 -13.38 4.45 4.50
N ASN A 248 -12.70 3.33 4.70
CA ASN A 248 -13.20 2.09 4.10
C ASN A 248 -14.58 1.72 4.61
N LEU A 249 -14.81 1.90 5.91
CA LEU A 249 -16.12 1.51 6.46
C LEU A 249 -17.13 2.66 6.49
N ALA A 250 -16.65 3.90 6.30
CA ALA A 250 -17.50 5.10 6.45
C ALA A 250 -17.93 5.83 5.19
N ASP A 251 -17.06 5.85 4.18
CA ASP A 251 -17.37 6.61 2.96
C ASP A 251 -18.68 6.12 2.38
N GLU A 252 -19.46 7.05 1.86
CA GLU A 252 -20.73 6.69 1.24
C GLU A 252 -20.52 5.80 0.02
N LYS A 253 -19.39 5.98 -0.66
CA LYS A 253 -19.09 5.13 -1.83
C LYS A 253 -18.25 3.91 -1.46
N ARG A 254 -18.10 3.65 -0.16
CA ARG A 254 -17.47 2.39 0.27
C ARG A 254 -18.51 1.61 1.09
N TYR A 255 -18.20 1.16 2.30
CA TYR A 255 -19.18 0.36 3.05
C TYR A 255 -20.29 1.18 3.70
N ASP A 256 -20.12 2.50 3.81
CA ASP A 256 -21.23 3.43 4.12
C ASP A 256 -21.96 3.04 5.42
N LYS A 257 -21.21 2.82 6.49
CA LYS A 257 -21.82 2.28 7.71
C LYS A 257 -22.22 3.29 8.79
N LEU A 258 -22.12 4.59 8.53
CA LEU A 258 -22.31 5.52 9.65
C LEU A 258 -23.73 5.53 10.24
N LYS A 259 -24.76 5.40 9.39
CA LYS A 259 -26.11 5.36 9.93
C LYS A 259 -26.33 4.12 10.81
N LYS A 260 -25.83 2.98 10.37
CA LYS A 260 -25.92 1.76 11.17
C LYS A 260 -25.13 1.87 12.47
N VAL A 261 -23.96 2.51 12.41
CA VAL A 261 -23.20 2.73 13.62
C VAL A 261 -23.99 3.63 14.59
N ALA A 262 -24.57 4.71 14.07
CA ALA A 262 -25.35 5.61 14.93
C ALA A 262 -26.45 4.83 15.64
N SER A 263 -27.15 3.98 14.90
CA SER A 263 -28.22 3.25 15.54
C SER A 263 -27.73 2.31 16.65
N VAL A 264 -26.63 1.60 16.43
CA VAL A 264 -26.17 0.65 17.47
C VAL A 264 -25.56 1.37 18.67
N ILE A 265 -25.06 2.59 18.49
CA ILE A 265 -24.55 3.31 19.65
C ILE A 265 -25.64 4.13 20.32
N GLY A 266 -26.86 4.05 19.80
CA GLY A 266 -28.01 4.62 20.48
C GLY A 266 -28.23 6.10 20.29
N ILE A 267 -27.75 6.68 19.17
CA ILE A 267 -28.03 8.08 18.90
C ILE A 267 -28.87 8.24 17.64
N ALA A 268 -29.64 9.31 17.57
CA ALA A 268 -30.45 9.61 16.39
C ALA A 268 -29.56 10.10 15.25
N ALA A 269 -29.95 9.81 14.01
CA ALA A 269 -29.16 10.19 12.84
C ALA A 269 -30.05 11.08 11.99
N ASP A 270 -30.66 12.05 12.65
CA ASP A 270 -31.69 12.88 12.02
C ASP A 270 -31.30 14.34 11.81
N TYR A 271 -30.41 14.88 12.65
CA TYR A 271 -30.15 16.33 12.59
C TYR A 271 -28.66 16.61 12.43
N ASN A 272 -28.27 17.45 11.47
CA ASN A 272 -26.83 17.68 11.26
C ASN A 272 -26.23 18.29 12.52
N THR A 273 -27.01 19.14 13.19
CA THR A 273 -26.50 19.86 14.36
C THR A 273 -26.24 18.94 15.57
N ASP A 274 -26.72 17.70 15.51
CA ASP A 274 -26.40 16.73 16.58
C ASP A 274 -25.00 16.15 16.40
N LEU A 275 -24.39 16.44 15.25
CA LEU A 275 -23.07 15.88 14.93
C LEU A 275 -23.05 14.36 15.07
N TRP A 276 -24.12 13.70 14.66
CA TRP A 276 -24.16 12.25 14.79
C TRP A 276 -23.16 11.55 13.89
N LYS A 277 -22.88 12.11 12.71
CA LYS A 277 -21.87 11.47 11.87
C LYS A 277 -20.50 11.53 12.55
N ASP A 278 -20.23 12.67 13.18
CA ASP A 278 -18.92 12.83 13.83
C ASP A 278 -18.79 11.87 15.03
N GLN A 279 -19.84 11.78 15.81
CA GLN A 279 -19.87 10.85 16.95
C GLN A 279 -19.75 9.40 16.51
N ALA A 280 -20.51 9.04 15.48
CA ALA A 280 -20.41 7.68 14.94
C ALA A 280 -19.00 7.38 14.43
N LEU A 281 -18.41 8.33 13.72
CA LEU A 281 -17.00 8.18 13.28
C LEU A 281 -16.07 7.91 14.45
N VAL A 282 -16.23 8.65 15.54
CA VAL A 282 -15.30 8.47 16.67
C VAL A 282 -15.49 7.09 17.26
N GLU A 283 -16.73 6.66 17.45
CA GLU A 283 -16.93 5.34 18.07
C GLU A 283 -16.49 4.21 17.15
N LEU A 284 -16.74 4.35 15.85
CA LEU A 284 -16.29 3.31 14.89
C LEU A 284 -14.77 3.23 14.90
N ASN A 285 -14.11 4.39 14.97
CA ASN A 285 -12.66 4.38 14.95
C ASN A 285 -12.06 3.83 16.25
N LYS A 286 -12.73 4.08 17.37
CA LYS A 286 -12.32 3.50 18.64
C LYS A 286 -12.47 1.98 18.56
N ALA A 287 -13.53 1.51 17.92
CA ALA A 287 -13.78 0.06 17.83
C ALA A 287 -12.72 -0.60 16.98
N VAL A 288 -12.36 0.05 15.86
CA VAL A 288 -11.33 -0.51 15.00
C VAL A 288 -10.01 -0.70 15.76
N LEU A 289 -9.58 0.33 16.49
CA LEU A 289 -8.30 0.23 17.21
C LEU A 289 -8.35 -0.84 18.31
N HIS A 290 -9.43 -0.84 19.08
CA HIS A 290 -9.66 -1.83 20.12
C HIS A 290 -9.60 -3.26 19.58
N SER A 291 -10.24 -3.46 18.43
CA SER A 291 -10.39 -4.81 17.90
C SER A 291 -9.07 -5.38 17.39
N TYR A 292 -8.30 -4.54 16.68
CA TYR A 292 -6.97 -4.95 16.21
C TYR A 292 -6.06 -5.26 17.39
N LYS A 293 -6.08 -4.38 18.40
CA LYS A 293 -5.23 -4.56 19.58
C LYS A 293 -5.60 -5.84 20.30
N LYS A 294 -6.90 -6.07 20.45
CA LYS A 294 -7.36 -7.25 21.18
C LYS A 294 -6.90 -8.52 20.50
N GLN A 295 -6.89 -8.52 19.17
CA GLN A 295 -6.49 -9.69 18.42
C GLN A 295 -4.97 -9.80 18.24
N GLY A 296 -4.23 -8.78 18.64
CA GLY A 296 -2.78 -8.86 18.49
C GLY A 296 -2.34 -8.65 17.05
N VAL A 297 -3.07 -7.82 16.33
CA VAL A 297 -2.68 -7.41 14.98
C VAL A 297 -2.23 -5.97 15.03
N SER A 298 -1.03 -5.72 14.49
CA SER A 298 -0.46 -4.37 14.48
C SER A 298 -1.38 -3.31 13.85
N ILE A 299 -1.41 -2.14 14.48
CA ILE A 299 -2.18 -1.00 13.99
C ILE A 299 -1.66 0.24 14.71
N VAL A 300 -1.85 1.42 14.12
CA VAL A 300 -1.45 2.66 14.78
C VAL A 300 -2.61 3.63 14.73
N ASP A 301 -2.79 4.42 15.80
CA ASP A 301 -3.82 5.45 15.78
C ASP A 301 -3.25 6.71 15.15
N HIS A 302 -4.10 7.63 14.73
CA HIS A 302 -3.61 8.80 13.97
C HIS A 302 -2.81 9.77 14.82
N HIS A 303 -3.07 9.82 16.13
CA HIS A 303 -2.26 10.69 17.00
C HIS A 303 -0.83 10.18 17.11
N THR A 304 -0.69 8.88 17.37
CA THR A 304 0.64 8.31 17.52
C THR A 304 1.37 8.36 16.18
N ALA A 305 0.65 8.08 15.09
CA ALA A 305 1.24 8.19 13.75
C ALA A 305 1.76 9.60 13.43
N ALA A 306 0.98 10.63 13.77
CA ALA A 306 1.45 11.98 13.54
C ALA A 306 2.67 12.31 14.38
N SER A 307 2.70 11.78 15.60
CA SER A 307 3.86 11.99 16.47
C SER A 307 5.12 11.35 15.89
N GLN A 308 4.95 10.16 15.32
CA GLN A 308 6.07 9.48 14.67
C GLN A 308 6.49 10.31 13.45
N PHE A 309 5.54 10.86 12.73
CA PHE A 309 5.87 11.63 11.53
C PHE A 309 6.63 12.90 11.89
N LYS A 310 6.28 13.50 13.02
CA LYS A 310 7.06 14.63 13.52
C LYS A 310 8.51 14.20 13.69
N ARG A 311 8.74 13.01 14.22
CA ARG A 311 10.11 12.56 14.40
C ARG A 311 10.78 12.37 13.05
N PHE A 312 10.03 11.87 12.07
CA PHE A 312 10.56 11.76 10.70
C PHE A 312 11.00 13.12 10.16
N GLU A 313 10.20 14.17 10.39
CA GLU A 313 10.60 15.52 9.95
C GLU A 313 11.90 15.93 10.63
N GLU A 314 11.99 15.68 11.93
CA GLU A 314 13.18 16.07 12.69
C GLU A 314 14.40 15.30 12.20
N GLN A 315 14.23 14.01 11.93
CA GLN A 315 15.32 13.19 11.43
C GLN A 315 15.80 13.66 10.04
N ALA A 316 14.87 14.07 9.17
CA ALA A 316 15.27 14.59 7.85
C ALA A 316 16.15 15.82 8.00
N GLU A 317 15.69 16.75 8.83
CA GLU A 317 16.48 17.93 9.10
C GLU A 317 17.86 17.61 9.65
N GLU A 318 17.92 16.69 10.61
CA GLU A 318 19.21 16.29 11.19
C GLU A 318 20.17 15.67 10.17
N ALA A 319 19.61 14.95 9.19
CA ALA A 319 20.42 14.30 8.17
C ALA A 319 20.72 15.26 7.02
N GLY A 320 20.16 16.45 7.08
CA GLY A 320 20.37 17.44 6.04
C GLY A 320 19.62 17.12 4.75
N ARG A 321 18.56 16.32 4.84
CA ARG A 321 17.72 16.06 3.68
C ARG A 321 16.48 16.95 3.66
N LYS A 322 16.13 17.43 2.48
CA LYS A 322 14.88 18.17 2.32
C LYS A 322 13.74 17.22 2.61
N LEU A 323 12.71 17.74 3.26
CA LEU A 323 11.49 16.97 3.52
C LEU A 323 10.46 17.31 2.45
N THR A 324 9.82 16.30 1.88
CA THR A 324 8.70 16.58 1.00
C THR A 324 7.44 15.90 1.55
N GLY A 325 6.28 16.47 1.24
CA GLY A 325 5.03 15.90 1.70
C GLY A 325 3.82 16.51 1.03
N ASP A 326 2.71 15.77 1.06
CA ASP A 326 1.44 16.21 0.51
C ASP A 326 0.48 16.41 1.67
N TRP A 327 0.32 17.66 2.08
CA TRP A 327 -0.47 18.01 3.25
C TRP A 327 -1.86 17.42 3.17
N THR A 328 -2.41 17.39 1.97
CA THR A 328 -3.80 16.95 1.78
C THR A 328 -3.99 15.48 2.07
N TRP A 329 -2.93 14.68 1.92
CA TRP A 329 -2.98 13.27 2.28
C TRP A 329 -2.44 12.98 3.66
N LEU A 330 -1.54 13.81 4.16
CA LEU A 330 -0.91 13.53 5.45
C LEU A 330 -1.88 13.79 6.61
N ILE A 331 -2.71 14.83 6.49
CA ILE A 331 -3.65 15.08 7.60
C ILE A 331 -4.62 13.89 7.70
N PRO A 332 -4.89 13.45 8.94
CA PRO A 332 -5.86 12.35 9.11
C PRO A 332 -7.28 12.85 8.87
N PRO A 333 -8.18 11.95 8.48
CA PRO A 333 -9.55 12.35 8.13
C PRO A 333 -10.44 12.54 9.35
N ILE A 334 -9.93 12.25 10.55
CA ILE A 334 -10.66 12.78 11.70
C ILE A 334 -9.73 13.54 12.63
N SER A 335 -10.30 14.53 13.32
CA SER A 335 -9.52 15.48 14.13
C SER A 335 -8.18 15.94 13.54
N PRO A 336 -8.16 16.35 12.26
CA PRO A 336 -6.84 16.71 11.73
C PRO A 336 -6.17 17.88 12.46
N ALA A 337 -6.93 18.83 12.97
CA ALA A 337 -6.32 19.98 13.61
C ALA A 337 -5.77 19.64 14.98
N ALA A 338 -6.05 18.41 15.45
CA ALA A 338 -5.42 17.94 16.70
C ALA A 338 -4.00 17.40 16.48
N THR A 339 -3.57 17.35 15.21
CA THR A 339 -2.20 16.91 14.90
C THR A 339 -1.34 18.08 14.45
N HIS A 340 -0.01 17.97 14.62
CA HIS A 340 0.86 19.08 14.25
C HIS A 340 0.86 19.30 12.73
N ILE A 341 0.55 18.24 11.97
CA ILE A 341 0.59 18.26 10.50
C ILE A 341 -0.31 19.39 9.96
N PHE A 342 -1.51 19.48 10.53
CA PHE A 342 -2.50 20.47 10.06
C PHE A 342 -1.95 21.89 10.11
N HIS A 343 -1.04 22.17 11.06
CA HIS A 343 -0.62 23.54 11.31
C HIS A 343 0.68 23.97 10.65
N ARG A 344 1.21 23.10 9.79
CA ARG A 344 2.37 23.51 9.02
C ARG A 344 2.15 23.21 7.55
N SER A 345 3.10 23.58 6.70
CA SER A 345 2.95 23.27 5.29
C SER A 345 4.06 22.34 4.84
N TYR A 346 3.89 21.76 3.65
CA TYR A 346 4.88 20.80 3.14
C TYR A 346 5.14 21.04 1.65
N ASP A 347 6.40 20.89 1.25
CA ASP A 347 6.81 20.97 -0.15
C ASP A 347 6.40 19.67 -0.86
N ASN A 348 5.50 19.76 -1.84
CA ASN A 348 4.98 18.56 -2.51
C ASN A 348 5.80 18.15 -3.75
N SER A 349 7.08 18.48 -3.77
CA SER A 349 7.93 18.13 -4.91
C SER A 349 8.15 16.62 -4.99
N ILE A 350 8.28 16.12 -6.21
CA ILE A 350 8.49 14.68 -6.40
C ILE A 350 9.99 14.40 -6.48
N VAL A 351 10.47 13.52 -5.61
CA VAL A 351 11.88 13.11 -5.57
C VAL A 351 11.93 11.61 -5.83
N LYS A 352 12.88 11.15 -6.63
CA LYS A 352 13.02 9.72 -6.90
C LYS A 352 14.25 9.18 -6.17
N PRO A 353 14.29 7.87 -5.86
CA PRO A 353 13.30 6.81 -6.06
C PRO A 353 11.94 7.09 -5.44
N ASN A 354 10.88 6.50 -5.98
CA ASN A 354 9.54 6.72 -5.46
C ASN A 354 8.61 5.66 -6.02
N TYR A 355 7.38 5.63 -5.48
CA TYR A 355 6.29 4.75 -5.96
C TYR A 355 5.30 5.63 -6.73
N PHE A 356 4.87 5.13 -7.89
CA PHE A 356 3.97 5.90 -8.78
C PHE A 356 2.74 5.10 -9.17
N TYR A 357 1.64 5.81 -9.47
CA TYR A 357 0.46 5.17 -10.05
C TYR A 357 0.77 4.69 -11.46
N GLN A 358 0.05 3.66 -11.91
CA GLN A 358 0.14 3.28 -13.32
C GLN A 358 -1.26 2.91 -13.81
N ASP A 359 -1.44 2.87 -15.12
CA ASP A 359 -2.74 2.57 -15.72
C ASP A 359 -3.19 1.15 -15.35
N LYS A 360 -4.48 0.99 -15.09
CA LYS A 360 -5.06 -0.33 -14.79
C LYS A 360 -5.30 -1.11 -16.09
N PRO A 361 -4.99 -2.41 -16.11
CA PRO A 361 -5.24 -3.17 -17.35
C PRO A 361 -6.69 -3.62 -17.52
N TYR A 362 -7.50 -3.54 -16.47
CA TYR A 362 -8.95 -3.67 -16.59
C TYR A 362 -9.40 -2.20 -16.60
N GLU A 363 -10.68 -1.92 -16.80
CA GLU A 363 -11.15 -0.53 -16.99
C GLU A 363 -10.60 0.15 -18.26
CHA HEM B . -0.08 6.12 1.88
CHB HEM B . 0.36 4.95 6.60
CHC HEM B . 3.95 1.84 5.42
CHD HEM B . 4.12 3.80 0.96
C1A HEM B . -0.34 5.90 3.23
C2A HEM B . -1.55 6.33 3.85
C3A HEM B . -1.41 6.02 5.19
C4A HEM B . -0.14 5.38 5.37
CMA HEM B . -2.43 6.26 6.28
CAA HEM B . -2.74 6.99 3.17
CBA HEM B . -3.53 5.85 2.48
CGA HEM B . -4.82 6.23 1.83
O1A HEM B . -5.21 5.60 0.79
O2A HEM B . -5.54 7.17 2.31
C1B HEM B . 1.35 3.96 6.67
C2B HEM B . 1.63 3.20 7.85
C3B HEM B . 2.63 2.32 7.55
C4B HEM B . 2.98 2.59 6.12
CMB HEM B . 0.96 3.28 9.21
CAB HEM B . 3.19 1.34 8.51
CBB HEM B . 4.47 0.87 8.48
C1C HEM B . 4.26 2.05 4.08
C2C HEM B . 5.21 1.32 3.34
C3C HEM B . 5.30 1.89 2.07
C4C HEM B . 4.33 2.97 2.03
CMC HEM B . 5.98 0.15 3.90
CAC HEM B . 6.15 1.50 0.93
CBC HEM B . 7.30 0.80 1.02
C1D HEM B . 2.94 4.58 0.91
C2D HEM B . 2.50 5.16 -0.37
C3D HEM B . 1.33 5.79 -0.13
C4D HEM B . 1.08 5.60 1.30
CMD HEM B . 3.19 5.08 -1.72
CAD HEM B . 0.48 6.57 -1.12
CBD HEM B . -0.55 5.64 -1.81
CGD HEM B . -1.41 6.38 -2.81
O1D HEM B . -2.54 5.90 -3.10
O2D HEM B . -1.01 7.43 -3.40
NA HEM B . 0.52 5.36 4.17
NB HEM B . 2.15 3.57 5.68
NC HEM B . 3.76 3.03 3.29
ND HEM B . 2.06 4.85 1.90
FE HEM B . 2.28 4.42 3.77
N1 H4B C . -5.92 11.78 2.05
C2 H4B C . -5.72 10.45 2.17
N2 H4B C . -4.82 10.02 3.12
N3 H4B C . -6.38 9.55 1.37
C4 H4B C . -7.26 9.91 0.43
O4 H4B C . -7.87 9.07 -0.29
C4A H4B C . -7.50 11.35 0.24
C8A H4B C . -6.76 12.29 1.13
N5 H4B C . -8.35 11.87 -0.68
N8 H4B C . -6.94 13.62 1.01
C6 H4B C . -7.96 13.17 -1.19
C7 H4B C . -7.77 14.18 -0.04
C9 H4B C . -8.98 13.64 -2.19
O9 H4B C . -10.26 13.37 -1.62
C10 H4B C . -8.89 15.13 -2.52
C11 H4B C . -9.77 15.42 -3.72
O10 H4B C . -7.56 15.57 -2.83
CL CL D . -7.19 -0.02 2.62
N01 EXI E . -1.87 2.10 4.03
C02 EXI E . -0.93 1.66 4.91
N02 EXI E . -1.13 1.74 6.25
C03 EXI E . 0.06 1.18 4.23
C04 EXI E . 0.53 0.96 3.06
C05 EXI E . -0.44 1.42 2.16
C06 EXI E . -1.65 1.98 2.68
C07 EXI E . 1.81 0.34 2.60
C08 EXI E . -2.75 2.47 1.74
C09 EXI E . -3.73 1.31 1.53
N11 EXI E . -6.32 1.92 -1.20
C12 EXI E . -5.21 1.49 -0.54
C13 EXI E . -4.99 1.81 0.80
C14 EXI E . -5.93 2.61 1.47
C15 EXI E . -7.06 3.04 0.78
C16 EXI E . -7.23 2.68 -0.56
C17 EXI E . -7.91 4.17 2.86
N17 EXI E . -8.02 3.85 1.42
C18 EXI E . -9.15 4.37 0.65
C19 EXI E . -8.99 5.90 0.53
N20 EXI E . -7.72 6.29 -0.14
C21 EXI E . -7.72 6.06 -1.60
C1 GOL F . -17.98 -17.52 -13.38
O1 GOL F . -18.52 -16.35 -12.81
C2 GOL F . -19.12 -18.47 -13.69
O2 GOL F . -18.55 -19.75 -14.00
C3 GOL F . -19.76 -17.84 -14.88
O3 GOL F . -18.96 -17.95 -16.07
#